data_6AO8
#
_entry.id   6AO8
#
_cell.length_a   53.900
_cell.length_b   93.470
_cell.length_c   78.570
_cell.angle_alpha   90.000
_cell.angle_beta   108.070
_cell.angle_gamma   90.000
#
_symmetry.space_group_name_H-M   'P 1 21 1'
#
loop_
_entity.id
_entity.type
_entity.pdbx_description
1 polymer 'Arginine--tRNA ligase'
2 non-polymer ARGININE
3 non-polymer GLYCEROL
4 water water
#
_entity_poly.entity_id   1
_entity_poly.type   'polypeptide(L)'
_entity_poly.pdbx_seq_one_letter_code
;MAHHHHHHMNLHQTVEHEAAAAFAAAGIAGSPVVLQPTKNAEHGDFQINGVMGAAKKAKQNPRELAQKVADALAGNAVIE
SAEVAGPGFINLRLRHEFLAQNIHAALNDARFGVAKTAQPQTVVIDYSSPNLAKEMHVGHLRSSIIGDSISRVLEFTGNT
VIRQNHVGDWGTQFGMLVAYLVEQQKDNAAFELADLEQFYRAAKVRFDEDPAFADTAREYVVKLQGGDETVLALWKQFVD
ISLSHAQAVYDTLGLKLRPEDVAGESKYNDDLQPVADDLVQKGLAVEDDGAKVVFLDEFKNKEGEPAAFIVQKQGGGFLY
ASTDLACLRYRIGRLKAGRLLYVVDHRQALHFEQLFTTSRKAGYLPEDAKAEFIGFGTMMGKDGKPFKTRSGDTVKLVDL
LTEAVERATALVKEKNPELGADEAAKIGKTVGIGAVKYADLSKNRTSDYVFDWDAMLSFEGNTAPYLQYAYTRVQSVFRK
AGEWDATAPTVLTEPLEKQLAAELLKFENVLQSVADTAYPHYLAAYLYQAATLFSRFYEACPILKAEGASRNSRLQLAKL
TGNTLKQGLDLLGIDVLDVM
;
_entity_poly.pdbx_strand_id   A
#
loop_
_chem_comp.id
_chem_comp.type
_chem_comp.name
_chem_comp.formula
GOL non-polymer GLYCEROL 'C3 H8 O3'
#
# COMPACT_ATOMS: atom_id res chain seq x y z
N HIS A 7 16.80 18.90 8.47
CA HIS A 7 17.23 18.83 7.07
C HIS A 7 16.20 18.05 6.24
N HIS A 8 15.08 18.72 5.99
CA HIS A 8 13.97 18.13 5.25
C HIS A 8 13.08 19.30 4.83
N MET A 9 12.06 19.00 4.04
CA MET A 9 11.03 20.00 3.72
C MET A 9 9.66 19.37 3.97
N ASN A 10 9.07 19.72 5.12
CA ASN A 10 7.65 19.52 5.33
C ASN A 10 7.01 20.81 4.81
N LEU A 11 6.58 20.77 3.54
CA LEU A 11 6.09 21.98 2.91
C LEU A 11 4.85 22.52 3.60
N HIS A 12 3.89 21.64 3.89
CA HIS A 12 2.65 22.06 4.56
C HIS A 12 2.95 22.78 5.86
N GLN A 13 3.86 22.21 6.66
CA GLN A 13 4.13 22.77 7.98
C GLN A 13 4.86 24.11 7.86
N THR A 14 5.77 24.21 6.89
CA THR A 14 6.50 25.45 6.66
C THR A 14 5.53 26.58 6.29
N VAL A 15 4.57 26.29 5.42
CA VAL A 15 3.61 27.31 5.00
C VAL A 15 2.65 27.63 6.14
N GLU A 16 2.19 26.59 6.84
CA GLU A 16 1.27 26.81 7.95
C GLU A 16 1.91 27.69 9.03
N HIS A 17 3.19 27.51 9.28
CA HIS A 17 3.88 28.33 10.28
C HIS A 17 3.80 29.82 9.94
N GLU A 18 4.03 30.17 8.65
CA GLU A 18 3.91 31.57 8.25
C GLU A 18 2.48 32.05 8.36
N ALA A 19 1.51 31.22 7.97
CA ALA A 19 0.11 31.63 8.08
C ALA A 19 -0.27 31.86 9.53
N ALA A 20 0.23 31.01 10.42
CA ALA A 20 -0.10 31.14 11.84
C ALA A 20 0.46 32.44 12.40
N ALA A 21 1.64 32.86 11.95
CA ALA A 21 2.17 34.14 12.40
C ALA A 21 1.30 35.29 11.89
N ALA A 22 0.79 35.16 10.66
CA ALA A 22 -0.08 36.21 10.11
C ALA A 22 -1.41 36.26 10.87
N PHE A 23 -1.95 35.10 11.24
CA PHE A 23 -3.13 35.08 12.11
C PHE A 23 -2.86 35.87 13.38
N ALA A 24 -1.72 35.62 14.02
CA ALA A 24 -1.41 36.31 15.26
C ALA A 24 -1.33 37.82 15.03
N ALA A 25 -0.68 38.23 13.95
CA ALA A 25 -0.57 39.64 13.62
C ALA A 25 -1.93 40.26 13.34
N ALA A 26 -2.89 39.46 12.87
CA ALA A 26 -4.23 39.93 12.57
C ALA A 26 -5.19 39.87 13.75
N GLY A 27 -4.72 39.46 14.92
CA GLY A 27 -5.55 39.44 16.10
C GLY A 27 -6.31 38.14 16.34
N ILE A 28 -5.98 37.08 15.60
CA ILE A 28 -6.63 35.77 15.80
C ILE A 28 -5.59 34.71 16.09
N ALA A 29 -4.61 35.05 16.95
CA ALA A 29 -3.59 34.07 17.35
C ALA A 29 -4.23 32.80 17.90
N GLY A 30 -3.71 31.66 17.47
CA GLY A 30 -4.17 30.37 17.96
C GLY A 30 -5.36 29.80 17.23
N SER A 31 -6.05 30.58 16.41
CA SER A 31 -7.11 29.98 15.61
C SER A 31 -6.52 29.03 14.58
N PRO A 32 -7.14 27.89 14.34
CA PRO A 32 -6.64 26.95 13.33
C PRO A 32 -6.59 27.60 11.95
N VAL A 33 -5.45 27.45 11.27
CA VAL A 33 -5.30 27.97 9.92
C VAL A 33 -6.14 27.20 8.92
N VAL A 34 -6.32 25.89 9.12
CA VAL A 34 -7.03 25.02 8.16
C VAL A 34 -6.40 25.18 6.78
N LEU A 35 -5.11 24.90 6.68
CA LEU A 35 -4.39 25.04 5.41
C LEU A 35 -4.66 23.83 4.53
N GLN A 36 -4.98 24.08 3.26
CA GLN A 36 -5.23 23.00 2.31
C GLN A 36 -4.46 23.25 1.01
N PRO A 37 -4.01 22.21 0.32
CA PRO A 37 -3.50 22.40 -1.05
C PRO A 37 -4.58 22.92 -1.98
N THR A 38 -4.16 23.59 -3.05
CA THR A 38 -5.14 24.08 -4.02
C THR A 38 -5.48 22.97 -5.01
N LYS A 39 -6.71 23.03 -5.53
CA LYS A 39 -7.11 22.12 -6.60
C LYS A 39 -6.39 22.46 -7.90
N ASN A 40 -6.61 23.68 -8.40
CA ASN A 40 -5.92 24.16 -9.60
C ASN A 40 -4.75 25.04 -9.19
N ALA A 41 -3.55 24.71 -9.68
CA ALA A 41 -2.38 25.54 -9.45
C ALA A 41 -2.50 26.92 -10.09
N GLU A 42 -3.54 27.17 -10.89
CA GLU A 42 -3.81 28.52 -11.38
C GLU A 42 -4.20 29.46 -10.25
N HIS A 43 -4.69 28.91 -9.13
CA HIS A 43 -5.07 29.71 -7.97
C HIS A 43 -3.92 29.90 -6.98
N GLY A 44 -2.84 29.14 -7.09
CA GLY A 44 -1.76 29.17 -6.13
C GLY A 44 -1.44 27.77 -5.64
N ASP A 45 -0.71 27.69 -4.54
CA ASP A 45 -0.18 26.43 -4.03
C ASP A 45 -0.91 25.92 -2.81
N PHE A 46 -1.38 26.82 -1.95
CA PHE A 46 -2.15 26.46 -0.76
C PHE A 46 -3.27 27.46 -0.56
N GLN A 47 -4.25 27.07 0.24
CA GLN A 47 -5.39 27.94 0.53
C GLN A 47 -5.66 27.89 2.04
N ILE A 48 -5.76 29.07 2.66
CA ILE A 48 -6.16 29.17 4.07
C ILE A 48 -7.68 29.10 4.14
N ASN A 49 -8.22 28.15 4.90
CA ASN A 49 -9.67 28.00 5.06
C ASN A 49 -10.19 28.37 6.46
N GLY A 50 -9.31 28.82 7.37
CA GLY A 50 -9.72 28.98 8.76
C GLY A 50 -10.32 30.32 9.14
N VAL A 51 -10.41 31.26 8.19
CA VAL A 51 -10.83 32.61 8.56
C VAL A 51 -12.29 32.65 9.05
N MET A 52 -13.20 31.95 8.35
CA MET A 52 -14.61 32.03 8.76
C MET A 52 -14.78 31.54 10.18
N GLY A 53 -14.12 30.43 10.53
CA GLY A 53 -14.23 29.91 11.88
C GLY A 53 -13.62 30.85 12.89
N ALA A 54 -12.47 31.45 12.54
CA ALA A 54 -11.80 32.39 13.45
C ALA A 54 -12.64 33.63 13.68
N ALA A 55 -13.35 34.10 12.65
CA ALA A 55 -14.14 35.33 12.79
C ALA A 55 -15.34 35.14 13.71
N LYS A 56 -15.76 33.90 13.92
CA LYS A 56 -16.98 33.64 14.67
C LYS A 56 -16.92 34.17 16.10
N LYS A 57 -15.76 34.11 16.75
CA LYS A 57 -15.68 34.43 18.18
C LYS A 57 -16.11 35.87 18.46
N ALA A 58 -15.45 36.83 17.82
CA ALA A 58 -15.75 38.25 18.01
C ALA A 58 -16.86 38.74 17.10
N LYS A 59 -17.51 37.83 16.37
CA LYS A 59 -18.46 38.21 15.33
C LYS A 59 -17.84 39.24 14.39
N GLN A 60 -16.59 38.97 13.97
CA GLN A 60 -15.89 39.89 13.10
C GLN A 60 -16.31 39.70 11.64
N ASN A 61 -16.09 40.75 10.88
CA ASN A 61 -16.32 40.70 9.43
C ASN A 61 -15.30 39.79 8.78
N PRO A 62 -15.70 38.67 8.17
CA PRO A 62 -14.69 37.70 7.72
C PRO A 62 -13.89 38.14 6.51
N ARG A 63 -14.52 38.86 5.58
CA ARG A 63 -13.76 39.40 4.45
C ARG A 63 -12.68 40.37 4.91
N GLU A 64 -13.02 41.29 5.81
CA GLU A 64 -12.03 42.22 6.31
C GLU A 64 -10.92 41.50 7.08
N LEU A 65 -11.29 40.49 7.88
CA LEU A 65 -10.29 39.72 8.62
C LEU A 65 -9.35 38.96 7.68
N ALA A 66 -9.90 38.34 6.61
CA ALA A 66 -9.05 37.67 5.64
C ALA A 66 -8.06 38.66 5.02
N GLN A 67 -8.52 39.86 4.67
CA GLN A 67 -7.60 40.82 4.05
C GLN A 67 -6.53 41.27 5.03
N LYS A 68 -6.86 41.34 6.33
CA LYS A 68 -5.84 41.69 7.33
C LYS A 68 -4.78 40.60 7.43
N VAL A 69 -5.19 39.33 7.38
CA VAL A 69 -4.23 38.24 7.35
C VAL A 69 -3.36 38.32 6.09
N ALA A 70 -4.00 38.51 4.93
CA ALA A 70 -3.25 38.62 3.68
C ALA A 70 -2.26 39.78 3.73
N ASP A 71 -2.69 40.92 4.29
CA ASP A 71 -1.79 42.06 4.45
C ASP A 71 -0.57 41.72 5.30
N ALA A 72 -0.77 40.92 6.36
CA ALA A 72 0.32 40.56 7.24
C ALA A 72 1.33 39.62 6.56
N LEU A 73 0.97 39.01 5.44
CA LEU A 73 1.90 38.17 4.68
C LEU A 73 2.66 38.95 3.62
N ALA A 74 2.48 40.27 3.52
CA ALA A 74 3.24 41.03 2.53
C ALA A 74 4.72 40.93 2.83
N GLY A 75 5.53 40.69 1.78
CA GLY A 75 6.96 40.55 1.95
C GLY A 75 7.43 39.27 2.59
N ASN A 76 6.53 38.33 2.90
CA ASN A 76 6.90 37.08 3.56
C ASN A 76 7.93 36.30 2.73
N ALA A 77 8.89 35.65 3.43
CA ALA A 77 9.97 34.96 2.71
C ALA A 77 9.49 33.70 1.99
N VAL A 78 8.46 33.04 2.50
CA VAL A 78 7.97 31.80 1.92
C VAL A 78 6.87 32.06 0.89
N ILE A 79 6.03 33.07 1.16
CA ILE A 79 4.81 33.31 0.39
C ILE A 79 4.97 34.63 -0.37
N GLU A 80 4.93 34.58 -1.71
CA GLU A 80 5.06 35.83 -2.46
C GLU A 80 3.74 36.50 -2.77
N SER A 81 2.61 35.80 -2.65
CA SER A 81 1.35 36.51 -2.77
C SER A 81 0.25 35.80 -1.97
N ALA A 82 -0.61 36.61 -1.37
CA ALA A 82 -1.73 36.13 -0.56
C ALA A 82 -2.94 36.93 -1.02
N GLU A 83 -3.90 36.25 -1.65
CA GLU A 83 -5.05 36.91 -2.27
C GLU A 83 -6.34 36.34 -1.68
N VAL A 84 -7.23 37.23 -1.23
CA VAL A 84 -8.51 36.77 -0.72
C VAL A 84 -9.40 36.31 -1.88
N ALA A 85 -10.11 35.21 -1.66
CA ALA A 85 -11.07 34.66 -2.61
C ALA A 85 -12.30 34.17 -1.84
N GLY A 86 -13.45 34.18 -2.52
CA GLY A 86 -14.70 33.85 -1.85
C GLY A 86 -14.93 34.84 -0.72
N PRO A 87 -15.70 34.44 0.28
CA PRO A 87 -15.91 35.34 1.42
C PRO A 87 -14.64 35.64 2.18
N GLY A 88 -13.89 34.62 2.60
CA GLY A 88 -12.66 34.85 3.34
C GLY A 88 -11.59 33.77 3.19
N PHE A 89 -11.59 33.05 2.07
CA PHE A 89 -10.46 32.18 1.75
C PHE A 89 -9.26 33.05 1.36
N ILE A 90 -8.05 32.50 1.54
CA ILE A 90 -6.81 33.18 1.14
C ILE A 90 -5.97 32.20 0.32
N ASN A 91 -5.71 32.56 -0.94
CA ASN A 91 -4.90 31.74 -1.83
C ASN A 91 -3.44 32.19 -1.74
N LEU A 92 -2.54 31.24 -1.52
CA LEU A 92 -1.12 31.52 -1.28
C LEU A 92 -0.29 30.99 -2.45
N ARG A 93 0.62 31.83 -2.97
CA ARG A 93 1.59 31.42 -3.98
C ARG A 93 2.97 31.46 -3.35
N LEU A 94 3.74 30.39 -3.53
CA LEU A 94 5.07 30.29 -2.93
C LEU A 94 6.07 31.19 -3.65
N ARG A 95 6.96 31.82 -2.88
CA ARG A 95 7.95 32.73 -3.47
C ARG A 95 9.00 31.95 -4.27
N HIS A 96 9.40 32.49 -5.43
CA HIS A 96 10.28 31.68 -6.27
C HIS A 96 11.66 31.48 -5.64
N GLU A 97 12.17 32.46 -4.87
CA GLU A 97 13.46 32.26 -4.18
C GLU A 97 13.38 31.15 -3.15
N PHE A 98 12.25 31.04 -2.46
CA PHE A 98 12.02 29.96 -1.52
C PHE A 98 12.03 28.61 -2.24
N LEU A 99 11.30 28.52 -3.35
CA LEU A 99 11.30 27.29 -4.14
C LEU A 99 12.71 26.93 -4.58
N ALA A 100 13.44 27.92 -5.14
CA ALA A 100 14.77 27.65 -5.68
C ALA A 100 15.71 27.14 -4.58
N GLN A 101 15.69 27.79 -3.40
CA GLN A 101 16.59 27.40 -2.32
C GLN A 101 16.31 25.97 -1.86
N ASN A 102 15.03 25.59 -1.84
CA ASN A 102 14.71 24.29 -1.31
C ASN A 102 14.89 23.18 -2.34
N ILE A 103 14.70 23.47 -3.63
CA ILE A 103 15.16 22.56 -4.67
C ILE A 103 16.65 22.31 -4.54
N HIS A 104 17.43 23.39 -4.38
CA HIS A 104 18.88 23.26 -4.27
C HIS A 104 19.26 22.39 -3.08
N ALA A 105 18.61 22.63 -1.94
CA ALA A 105 18.90 21.87 -0.74
C ALA A 105 18.53 20.40 -0.91
N ALA A 106 17.37 20.10 -1.51
CA ALA A 106 16.97 18.71 -1.69
C ALA A 106 18.01 17.93 -2.50
N LEU A 107 18.73 18.61 -3.40
CA LEU A 107 19.77 17.95 -4.17
C LEU A 107 21.14 17.95 -3.48
N ASN A 108 21.47 18.99 -2.72
CA ASN A 108 22.87 19.20 -2.31
C ASN A 108 23.13 19.04 -0.82
N ASP A 109 22.13 19.22 0.03
CA ASP A 109 22.31 19.00 1.45
C ASP A 109 22.46 17.50 1.70
N ALA A 110 23.69 17.06 2.02
CA ALA A 110 23.92 15.62 2.17
C ALA A 110 23.06 15.03 3.27
N ARG A 111 22.67 15.83 4.26
CA ARG A 111 21.81 15.37 5.36
C ARG A 111 20.32 15.51 5.03
N PHE A 112 19.96 15.86 3.79
CA PHE A 112 18.57 16.04 3.42
C PHE A 112 17.89 14.69 3.21
N GLY A 113 16.69 14.57 3.74
CA GLY A 113 15.90 13.37 3.53
C GLY A 113 14.45 13.65 3.85
N VAL A 114 13.66 12.58 3.86
CA VAL A 114 12.27 12.68 4.27
C VAL A 114 12.24 12.39 5.76
N ALA A 115 11.92 13.42 6.54
CA ALA A 115 11.92 13.31 7.99
C ALA A 115 11.01 12.18 8.45
N LYS A 116 11.05 11.91 9.76
CA LYS A 116 10.47 10.68 10.31
C LYS A 116 9.52 10.97 11.48
N GLN A 119 8.73 9.99 15.43
CA GLN A 119 7.75 9.16 16.13
C GLN A 119 7.79 7.71 15.62
N PRO A 120 8.84 6.97 15.99
CA PRO A 120 8.98 5.60 15.47
C PRO A 120 8.02 4.63 16.14
N GLN A 121 6.77 4.64 15.67
CA GLN A 121 5.78 3.66 16.08
C GLN A 121 6.16 2.26 15.61
N THR A 122 5.82 1.26 16.42
CA THR A 122 5.94 -0.14 16.02
C THR A 122 4.61 -0.56 15.39
N VAL A 123 4.66 -0.93 14.12
CA VAL A 123 3.51 -1.25 13.30
C VAL A 123 3.61 -2.72 12.88
N VAL A 124 2.60 -3.53 13.22
CA VAL A 124 2.53 -4.88 12.68
C VAL A 124 1.57 -4.84 11.50
N ILE A 125 2.04 -5.21 10.31
CA ILE A 125 1.19 -5.19 9.12
C ILE A 125 1.01 -6.62 8.62
N ASP A 126 -0.25 -7.02 8.54
CA ASP A 126 -0.70 -8.36 8.19
C ASP A 126 -1.13 -8.30 6.72
N TYR A 127 -0.37 -8.96 5.83
CA TYR A 127 -0.76 -8.91 4.42
C TYR A 127 -0.28 -10.14 3.67
N SER A 128 -0.89 -10.33 2.48
CA SER A 128 -0.81 -11.55 1.65
C SER A 128 -1.63 -12.64 2.32
N SER A 129 -1.07 -13.29 3.34
CA SER A 129 -1.79 -14.20 4.23
C SER A 129 -2.72 -15.21 3.53
N PRO A 130 -2.18 -16.00 2.58
CA PRO A 130 -3.04 -16.97 1.87
C PRO A 130 -3.44 -18.15 2.74
N ASN A 131 -4.58 -18.75 2.39
CA ASN A 131 -4.94 -20.07 2.91
C ASN A 131 -4.11 -21.13 2.20
N LEU A 132 -3.40 -21.95 2.95
CA LEU A 132 -2.43 -22.87 2.35
C LEU A 132 -3.04 -24.14 1.77
N ALA A 133 -4.32 -24.45 2.05
CA ALA A 133 -4.92 -25.63 1.47
C ALA A 133 -5.12 -25.51 -0.04
N LYS A 134 -5.11 -24.30 -0.58
CA LYS A 134 -5.26 -24.10 -2.02
C LYS A 134 -4.14 -23.19 -2.49
N GLU A 135 -4.09 -22.94 -3.80
CA GLU A 135 -3.14 -21.94 -4.29
C GLU A 135 -3.56 -20.53 -3.87
N MET A 136 -2.59 -19.61 -3.86
CA MET A 136 -2.90 -18.20 -3.66
C MET A 136 -3.86 -17.73 -4.75
N HIS A 137 -4.83 -16.89 -4.36
CA HIS A 137 -5.84 -16.39 -5.30
C HIS A 137 -5.62 -14.89 -5.57
N VAL A 138 -6.44 -14.34 -6.48
CA VAL A 138 -6.20 -12.94 -6.87
C VAL A 138 -6.50 -11.97 -5.73
N GLY A 139 -7.35 -12.34 -4.77
CA GLY A 139 -7.49 -11.49 -3.59
C GLY A 139 -6.20 -11.41 -2.79
N HIS A 140 -5.54 -12.55 -2.60
CA HIS A 140 -4.24 -12.54 -1.96
C HIS A 140 -3.23 -11.75 -2.77
N LEU A 141 -3.33 -11.80 -4.10
CA LEU A 141 -2.47 -10.94 -4.93
C LEU A 141 -2.65 -9.47 -4.56
N ARG A 142 -3.91 -9.00 -4.47
CA ARG A 142 -4.14 -7.60 -4.07
C ARG A 142 -3.54 -7.30 -2.70
N SER A 143 -3.79 -8.18 -1.73
CA SER A 143 -3.24 -7.94 -0.40
C SER A 143 -1.73 -7.87 -0.43
N SER A 144 -1.10 -8.78 -1.19
CA SER A 144 0.36 -8.80 -1.31
C SER A 144 0.87 -7.47 -1.82
N ILE A 145 0.26 -6.97 -2.90
CA ILE A 145 0.77 -5.77 -3.57
C ILE A 145 0.49 -4.51 -2.75
N ILE A 146 -0.76 -4.38 -2.28
CA ILE A 146 -1.14 -3.20 -1.50
C ILE A 146 -0.38 -3.17 -0.19
N GLY A 147 -0.37 -4.29 0.53
CA GLY A 147 0.38 -4.35 1.78
C GLY A 147 1.87 -4.10 1.61
N ASP A 148 2.46 -4.60 0.52
CA ASP A 148 3.89 -4.41 0.36
C ASP A 148 4.21 -2.93 0.21
N SER A 149 3.40 -2.20 -0.54
CA SER A 149 3.67 -0.77 -0.73
C SER A 149 3.45 0.01 0.57
N ILE A 150 2.37 -0.26 1.28
CA ILE A 150 2.18 0.40 2.57
C ILE A 150 3.38 0.13 3.47
N SER A 151 3.86 -1.12 3.52
CA SER A 151 4.98 -1.46 4.39
C SER A 151 6.24 -0.70 3.99
N ARG A 152 6.46 -0.53 2.67
CA ARG A 152 7.63 0.21 2.19
C ARG A 152 7.55 1.68 2.59
N VAL A 153 6.38 2.29 2.45
CA VAL A 153 6.22 3.70 2.84
C VAL A 153 6.41 3.86 4.35
N LEU A 154 5.86 2.94 5.14
CA LEU A 154 6.03 3.06 6.58
C LEU A 154 7.50 2.96 6.99
N GLU A 155 8.25 2.05 6.39
CA GLU A 155 9.68 1.99 6.71
C GLU A 155 10.38 3.27 6.30
N PHE A 156 10.09 3.76 5.11
CA PHE A 156 10.80 4.92 4.58
C PHE A 156 10.55 6.16 5.45
N THR A 157 9.39 6.25 6.08
CA THR A 157 9.06 7.38 6.95
C THR A 157 9.48 7.13 8.39
N GLY A 158 10.24 6.06 8.65
CA GLY A 158 10.92 5.89 9.94
C GLY A 158 10.17 5.06 10.96
N ASN A 159 9.15 4.32 10.55
CA ASN A 159 8.45 3.47 11.50
C ASN A 159 9.19 2.14 11.65
N THR A 160 8.94 1.46 12.79
CA THR A 160 9.44 0.12 13.01
C THR A 160 8.41 -0.89 12.49
N VAL A 161 8.69 -1.51 11.34
CA VAL A 161 7.67 -2.28 10.63
C VAL A 161 7.93 -3.77 10.82
N ILE A 162 6.94 -4.47 11.41
CA ILE A 162 6.98 -5.92 11.54
C ILE A 162 5.95 -6.52 10.59
N ARG A 163 6.40 -7.14 9.51
CA ARG A 163 5.49 -7.81 8.58
C ARG A 163 5.10 -9.16 9.14
N GLN A 164 3.81 -9.51 9.02
CA GLN A 164 3.39 -10.85 9.43
C GLN A 164 2.50 -11.43 8.35
N ASN A 165 2.92 -12.58 7.82
CA ASN A 165 2.20 -13.29 6.78
C ASN A 165 1.37 -14.37 7.50
N HIS A 166 0.09 -14.07 7.70
CA HIS A 166 -0.83 -14.84 8.57
C HIS A 166 -1.42 -16.00 7.77
N VAL A 167 -0.57 -16.98 7.44
CA VAL A 167 -0.98 -18.04 6.50
C VAL A 167 -2.01 -18.96 7.16
N GLY A 168 -2.99 -19.41 6.37
CA GLY A 168 -4.02 -20.33 6.85
C GLY A 168 -3.52 -21.75 6.75
N ASP A 169 -2.91 -22.22 7.84
CA ASP A 169 -2.18 -23.48 7.84
C ASP A 169 -2.80 -24.51 8.78
N TRP A 170 -4.05 -24.32 9.19
CA TRP A 170 -4.60 -25.24 10.18
C TRP A 170 -6.11 -25.35 10.01
N GLY A 171 -6.65 -26.53 10.26
CA GLY A 171 -8.07 -26.76 10.13
C GLY A 171 -8.37 -28.19 9.73
N THR A 172 -9.67 -28.54 9.84
CA THR A 172 -10.08 -29.92 9.59
C THR A 172 -9.83 -30.34 8.15
N GLN A 173 -9.74 -29.39 7.21
CA GLN A 173 -9.50 -29.74 5.81
C GLN A 173 -8.13 -30.38 5.60
N PHE A 174 -7.18 -30.16 6.51
CA PHE A 174 -5.87 -30.78 6.35
C PHE A 174 -5.92 -32.28 6.62
N GLY A 175 -6.97 -32.78 7.26
CA GLY A 175 -7.12 -34.21 7.41
C GLY A 175 -7.19 -34.92 6.08
N MET A 176 -8.05 -34.46 5.17
CA MET A 176 -8.16 -35.14 3.88
C MET A 176 -6.94 -34.86 3.01
N LEU A 177 -6.32 -33.68 3.18
CA LEU A 177 -5.10 -33.35 2.44
C LEU A 177 -3.95 -34.28 2.83
N VAL A 178 -3.74 -34.46 4.14
CA VAL A 178 -2.72 -35.41 4.61
C VAL A 178 -3.05 -36.84 4.15
N ALA A 179 -4.31 -37.25 4.26
CA ALA A 179 -4.65 -38.59 3.84
C ALA A 179 -4.40 -38.78 2.35
N TYR A 180 -4.73 -37.77 1.55
CA TYR A 180 -4.49 -37.90 0.11
C TYR A 180 -3.00 -37.90 -0.19
N LEU A 181 -2.22 -37.08 0.55
CA LEU A 181 -0.77 -37.07 0.35
C LEU A 181 -0.16 -38.44 0.60
N VAL A 182 -0.62 -39.12 1.66
CA VAL A 182 -0.10 -40.45 1.97
C VAL A 182 -0.36 -41.41 0.83
N GLU A 183 -1.61 -41.43 0.31
CA GLU A 183 -1.93 -42.30 -0.81
C GLU A 183 -1.03 -42.01 -2.01
N GLN A 184 -0.82 -40.73 -2.33
CA GLN A 184 -0.03 -40.36 -3.50
C GLN A 184 1.45 -40.72 -3.33
N GLN A 185 1.96 -40.66 -2.10
CA GLN A 185 3.36 -41.01 -1.88
C GLN A 185 3.57 -42.52 -1.88
N LYS A 186 2.56 -43.30 -1.47
CA LYS A 186 2.68 -44.76 -1.55
C LYS A 186 2.75 -45.24 -3.00
N ASP A 187 2.07 -44.55 -3.90
CA ASP A 187 2.04 -44.93 -5.31
C ASP A 187 3.20 -44.36 -6.12
N ASN A 188 4.00 -43.45 -5.56
CA ASN A 188 5.14 -42.87 -6.25
C ASN A 188 6.05 -42.11 -5.30
N ALA A 189 7.27 -42.59 -5.09
CA ALA A 189 8.21 -41.95 -4.18
C ALA A 189 8.82 -40.67 -4.75
N ALA A 190 8.65 -40.41 -6.05
CA ALA A 190 9.07 -39.15 -6.66
C ALA A 190 7.89 -38.21 -6.89
N PHE A 191 6.89 -38.28 -6.02
CA PHE A 191 5.65 -37.55 -6.21
C PHE A 191 5.87 -36.04 -6.11
N GLU A 192 5.37 -35.30 -7.09
CA GLU A 192 5.49 -33.84 -7.15
C GLU A 192 4.09 -33.24 -7.08
N LEU A 193 3.87 -32.35 -6.12
CA LEU A 193 2.57 -31.71 -5.93
C LEU A 193 2.56 -30.42 -6.71
N ALA A 194 2.17 -30.50 -7.98
CA ALA A 194 2.33 -29.37 -8.89
C ALA A 194 1.26 -28.32 -8.69
N ASP A 195 0.02 -28.75 -8.46
CA ASP A 195 -1.13 -27.84 -8.43
C ASP A 195 -1.98 -28.14 -7.20
N LEU A 196 -1.97 -27.21 -6.24
CA LEU A 196 -2.74 -27.39 -5.02
C LEU A 196 -4.25 -27.36 -5.28
N GLU A 197 -4.70 -26.67 -6.32
CA GLU A 197 -6.13 -26.65 -6.61
C GLU A 197 -6.60 -28.03 -7.04
N GLN A 198 -5.85 -28.67 -7.95
CA GLN A 198 -6.20 -30.01 -8.41
C GLN A 198 -6.05 -31.03 -7.29
N PHE A 199 -5.01 -30.88 -6.48
CA PHE A 199 -4.81 -31.79 -5.35
C PHE A 199 -5.99 -31.70 -4.39
N TYR A 200 -6.42 -30.48 -4.05
CA TYR A 200 -7.54 -30.30 -3.13
C TYR A 200 -8.81 -30.94 -3.68
N ARG A 201 -9.13 -30.68 -4.96
CA ARG A 201 -10.34 -31.26 -5.54
C ARG A 201 -10.28 -32.78 -5.54
N ALA A 202 -9.14 -33.35 -5.93
CA ALA A 202 -9.00 -34.80 -5.95
C ALA A 202 -9.21 -35.41 -4.57
N ALA A 203 -8.70 -34.76 -3.52
CA ALA A 203 -8.90 -35.26 -2.17
C ALA A 203 -10.37 -35.21 -1.76
N LYS A 204 -11.08 -34.14 -2.13
CA LYS A 204 -12.51 -34.05 -1.82
C LYS A 204 -13.31 -35.12 -2.56
N VAL A 205 -12.90 -35.47 -3.78
CA VAL A 205 -13.53 -36.58 -4.48
C VAL A 205 -13.40 -37.86 -3.67
N ARG A 206 -12.19 -38.13 -3.16
CA ARG A 206 -11.98 -39.33 -2.34
C ARG A 206 -12.80 -39.27 -1.06
N PHE A 207 -12.82 -38.10 -0.40
CA PHE A 207 -13.59 -37.95 0.84
C PHE A 207 -15.09 -38.12 0.60
N ASP A 208 -15.59 -37.63 -0.54
CA ASP A 208 -17.02 -37.73 -0.81
C ASP A 208 -17.43 -39.09 -1.35
N GLU A 209 -16.52 -39.78 -2.05
CA GLU A 209 -16.88 -41.03 -2.71
C GLU A 209 -16.54 -42.28 -1.89
N ASP A 210 -15.67 -42.18 -0.89
CA ASP A 210 -15.10 -43.37 -0.23
C ASP A 210 -15.22 -43.22 1.28
N PRO A 211 -16.18 -43.89 1.93
CA PRO A 211 -16.33 -43.74 3.38
C PRO A 211 -15.13 -44.19 4.18
N ALA A 212 -14.35 -45.16 3.68
CA ALA A 212 -13.12 -45.56 4.36
C ALA A 212 -12.08 -44.46 4.31
N PHE A 213 -12.00 -43.73 3.19
CA PHE A 213 -11.09 -42.60 3.11
C PHE A 213 -11.55 -41.47 4.03
N ALA A 214 -12.86 -41.20 4.07
CA ALA A 214 -13.35 -40.15 4.96
C ALA A 214 -13.05 -40.48 6.41
N ASP A 215 -13.24 -41.75 6.81
CA ASP A 215 -12.85 -42.16 8.15
C ASP A 215 -11.37 -41.95 8.40
N THR A 216 -10.54 -42.29 7.40
CA THR A 216 -9.09 -42.07 7.51
C THR A 216 -8.77 -40.59 7.69
N ALA A 217 -9.42 -39.73 6.90
CA ALA A 217 -9.20 -38.30 7.01
C ALA A 217 -9.58 -37.78 8.39
N ARG A 218 -10.71 -38.24 8.91
CA ARG A 218 -11.14 -37.80 10.24
C ARG A 218 -10.14 -38.24 11.31
N GLU A 219 -9.58 -39.44 11.15
CA GLU A 219 -8.56 -39.90 12.09
C GLU A 219 -7.31 -39.03 12.04
N TYR A 220 -6.93 -38.54 10.85
CA TYR A 220 -5.78 -37.65 10.79
C TYR A 220 -6.04 -36.34 11.52
N VAL A 221 -7.26 -35.81 11.42
CA VAL A 221 -7.61 -34.60 12.17
C VAL A 221 -7.43 -34.85 13.67
N VAL A 222 -7.92 -35.99 14.16
CA VAL A 222 -7.73 -36.37 15.56
C VAL A 222 -6.26 -36.31 15.92
N LYS A 223 -5.41 -36.96 15.11
CA LYS A 223 -3.99 -37.00 15.42
C LYS A 223 -3.33 -35.63 15.29
N LEU A 224 -3.79 -34.81 14.34
CA LEU A 224 -3.27 -33.45 14.21
C LEU A 224 -3.61 -32.62 15.44
N GLN A 225 -4.89 -32.62 15.83
CA GLN A 225 -5.28 -31.90 17.04
C GLN A 225 -4.57 -32.45 18.27
N GLY A 226 -4.24 -33.75 18.27
CA GLY A 226 -3.55 -34.35 19.39
C GLY A 226 -2.05 -34.17 19.42
N GLY A 227 -1.47 -33.59 18.38
CA GLY A 227 -0.03 -33.39 18.35
C GLY A 227 0.79 -34.62 18.05
N ASP A 228 0.21 -35.63 17.40
CA ASP A 228 0.97 -36.82 17.04
C ASP A 228 2.14 -36.44 16.16
N GLU A 229 3.35 -36.78 16.61
CA GLU A 229 4.56 -36.32 15.93
C GLU A 229 4.59 -36.79 14.49
N THR A 230 4.15 -38.02 14.23
CA THR A 230 4.20 -38.59 12.89
C THR A 230 3.29 -37.83 11.92
N VAL A 231 2.05 -37.55 12.35
CA VAL A 231 1.11 -36.86 11.48
C VAL A 231 1.50 -35.39 11.33
N LEU A 232 2.06 -34.79 12.39
CA LEU A 232 2.52 -33.41 12.28
C LEU A 232 3.63 -33.26 11.24
N ALA A 233 4.48 -34.27 11.11
CA ALA A 233 5.53 -34.21 10.11
C ALA A 233 4.96 -34.32 8.70
N LEU A 234 3.88 -35.08 8.51
CA LEU A 234 3.19 -35.10 7.22
C LEU A 234 2.52 -33.77 6.93
N TRP A 235 1.87 -33.19 7.94
CA TRP A 235 1.30 -31.86 7.81
C TRP A 235 2.37 -30.85 7.39
N LYS A 236 3.52 -30.89 8.08
CA LYS A 236 4.57 -29.92 7.76
C LYS A 236 5.08 -30.09 6.34
N GLN A 237 5.18 -31.34 5.86
CA GLN A 237 5.50 -31.59 4.46
C GLN A 237 4.56 -30.82 3.53
N PHE A 238 3.25 -30.95 3.74
CA PHE A 238 2.28 -30.28 2.89
C PHE A 238 2.39 -28.77 3.00
N VAL A 239 2.46 -28.27 4.25
CA VAL A 239 2.52 -26.83 4.45
C VAL A 239 3.76 -26.26 3.78
N ASP A 240 4.89 -26.96 3.90
CA ASP A 240 6.13 -26.46 3.29
C ASP A 240 6.02 -26.39 1.78
N ILE A 241 5.34 -27.37 1.16
CA ILE A 241 5.10 -27.31 -0.29
C ILE A 241 4.26 -26.09 -0.64
N SER A 242 3.15 -25.91 0.08
CA SER A 242 2.25 -24.80 -0.24
C SER A 242 2.95 -23.47 -0.07
N LEU A 243 3.75 -23.33 0.99
CA LEU A 243 4.51 -22.10 1.20
C LEU A 243 5.48 -21.85 0.06
N SER A 244 6.09 -22.91 -0.47
CA SER A 244 7.03 -22.73 -1.58
C SER A 244 6.33 -22.20 -2.81
N HIS A 245 5.08 -22.62 -3.05
CA HIS A 245 4.32 -22.06 -4.16
C HIS A 245 4.09 -20.56 -3.96
N ALA A 246 3.69 -20.16 -2.74
CA ALA A 246 3.53 -18.74 -2.45
C ALA A 246 4.85 -17.99 -2.61
N GLN A 247 5.94 -18.55 -2.10
CA GLN A 247 7.22 -17.85 -2.15
C GLN A 247 7.68 -17.61 -3.58
N ALA A 248 7.37 -18.52 -4.51
CA ALA A 248 7.78 -18.32 -5.90
C ALA A 248 7.07 -17.11 -6.52
N VAL A 249 5.80 -16.93 -6.19
CA VAL A 249 5.10 -15.71 -6.61
C VAL A 249 5.72 -14.48 -5.95
N TYR A 250 6.01 -14.56 -4.64
CA TYR A 250 6.63 -13.42 -3.96
C TYR A 250 7.96 -13.05 -4.63
N ASP A 251 8.76 -14.05 -5.01
CA ASP A 251 10.04 -13.81 -5.67
C ASP A 251 9.83 -13.12 -7.01
N THR A 252 8.86 -13.61 -7.79
CA THR A 252 8.57 -12.99 -9.09
C THR A 252 8.15 -11.54 -8.91
N LEU A 253 7.32 -11.27 -7.91
CA LEU A 253 6.83 -9.91 -7.67
C LEU A 253 7.92 -9.01 -7.11
N GLY A 254 8.88 -9.55 -6.38
CA GLY A 254 9.83 -8.70 -5.71
C GLY A 254 9.24 -8.01 -4.50
N LEU A 255 8.71 -8.78 -3.57
CA LEU A 255 8.16 -8.19 -2.35
C LEU A 255 9.23 -8.09 -1.28
N LYS A 256 8.94 -7.27 -0.26
CA LYS A 256 9.75 -7.20 0.95
C LYS A 256 9.35 -8.25 1.97
N LEU A 257 8.28 -8.99 1.70
CA LEU A 257 7.86 -10.08 2.59
C LEU A 257 8.82 -11.26 2.46
N ARG A 258 9.28 -11.78 3.59
CA ARG A 258 10.34 -12.79 3.67
C ARG A 258 9.83 -14.04 4.38
N PRO A 259 10.50 -15.18 4.19
CA PRO A 259 10.09 -16.40 4.93
C PRO A 259 10.03 -16.22 6.43
N GLU A 260 10.94 -15.42 7.01
CA GLU A 260 10.96 -15.14 8.44
C GLU A 260 9.74 -14.36 8.90
N ASP A 261 8.97 -13.79 7.98
CA ASP A 261 7.77 -13.02 8.33
C ASP A 261 6.52 -13.90 8.43
N VAL A 262 6.62 -15.19 8.10
CA VAL A 262 5.48 -16.09 8.14
C VAL A 262 5.12 -16.31 9.60
N ALA A 263 3.83 -16.23 9.91
CA ALA A 263 3.33 -16.51 11.26
C ALA A 263 1.93 -17.08 11.06
N GLY A 264 1.88 -18.39 10.87
CA GLY A 264 0.64 -19.02 10.48
C GLY A 264 -0.36 -19.11 11.63
N GLU A 265 -1.62 -19.34 11.27
CA GLU A 265 -2.67 -19.50 12.29
C GLU A 265 -2.33 -20.54 13.35
N SER A 266 -1.62 -21.62 12.97
CA SER A 266 -1.29 -22.68 13.93
C SER A 266 -0.44 -22.16 15.08
N LYS A 267 0.28 -21.07 14.88
CA LYS A 267 1.12 -20.49 15.93
C LYS A 267 0.33 -20.23 17.21
N TYR A 268 -0.96 -19.92 17.09
CA TYR A 268 -1.74 -19.44 18.22
C TYR A 268 -2.59 -20.53 18.85
N ASN A 269 -2.42 -21.79 18.43
CA ASN A 269 -3.36 -22.82 18.86
C ASN A 269 -3.33 -23.01 20.38
N ASP A 270 -2.17 -22.82 21.01
CA ASP A 270 -2.13 -23.03 22.46
C ASP A 270 -2.80 -21.90 23.24
N ASP A 271 -3.07 -20.75 22.64
N ASP A 271 -3.06 -20.76 22.60
CA ASP A 271 -3.71 -19.66 23.37
CA ASP A 271 -3.67 -19.58 23.21
C ASP A 271 -5.20 -19.54 23.09
C ASP A 271 -5.18 -19.54 23.08
N LEU A 272 -5.78 -20.46 22.30
CA LEU A 272 -7.20 -20.35 21.98
C LEU A 272 -8.07 -20.63 23.20
N GLN A 273 -7.77 -21.69 23.93
CA GLN A 273 -8.61 -21.99 25.08
C GLN A 273 -8.40 -20.93 26.18
N PRO A 274 -7.18 -20.45 26.42
CA PRO A 274 -7.04 -19.32 27.38
C PRO A 274 -7.83 -18.08 26.99
N VAL A 275 -7.85 -17.71 25.71
CA VAL A 275 -8.63 -16.54 25.29
C VAL A 275 -10.12 -16.76 25.54
N ALA A 276 -10.62 -17.93 25.18
CA ALA A 276 -12.04 -18.21 25.35
C ALA A 276 -12.41 -18.15 26.83
N ASP A 277 -11.58 -18.76 27.68
CA ASP A 277 -11.86 -18.78 29.12
C ASP A 277 -11.74 -17.40 29.73
N ASP A 278 -10.80 -16.61 29.22
CA ASP A 278 -10.63 -15.23 29.69
C ASP A 278 -11.86 -14.40 29.38
N LEU A 279 -12.39 -14.54 28.15
CA LEU A 279 -13.58 -13.78 27.77
C LEU A 279 -14.81 -14.22 28.58
N VAL A 280 -14.90 -15.50 28.92
CA VAL A 280 -16.00 -15.94 29.77
C VAL A 280 -15.85 -15.36 31.17
N GLN A 281 -14.62 -15.34 31.67
CA GLN A 281 -14.35 -14.87 33.02
C GLN A 281 -14.67 -13.38 33.18
N LYS A 282 -14.43 -12.59 32.14
CA LYS A 282 -14.78 -11.17 32.08
C LYS A 282 -16.26 -10.94 31.76
N GLY A 283 -17.06 -12.00 31.59
CA GLY A 283 -18.45 -11.82 31.23
C GLY A 283 -18.69 -11.30 29.83
N LEU A 284 -17.67 -11.29 28.97
CA LEU A 284 -17.83 -10.84 27.59
C LEU A 284 -18.37 -11.94 26.68
N ALA A 285 -17.90 -13.17 26.87
CA ALA A 285 -18.46 -14.34 26.20
C ALA A 285 -19.39 -15.07 27.15
N VAL A 286 -20.51 -15.55 26.62
CA VAL A 286 -21.48 -16.27 27.43
C VAL A 286 -21.88 -17.58 26.74
N GLU A 287 -22.51 -18.46 27.51
CA GLU A 287 -22.95 -19.74 26.96
C GLU A 287 -24.16 -19.53 26.07
N ASP A 288 -24.16 -20.18 24.91
CA ASP A 288 -25.32 -20.18 24.02
C ASP A 288 -25.36 -21.55 23.36
N ASP A 289 -26.26 -22.40 23.85
CA ASP A 289 -26.40 -23.77 23.38
C ASP A 289 -25.04 -24.48 23.35
N GLY A 290 -24.29 -24.34 24.45
CA GLY A 290 -22.99 -24.97 24.55
C GLY A 290 -21.86 -24.23 23.89
N ALA A 291 -22.14 -23.20 23.09
CA ALA A 291 -21.07 -22.42 22.51
C ALA A 291 -20.72 -21.24 23.42
N LYS A 292 -19.53 -20.66 23.20
CA LYS A 292 -19.13 -19.43 23.86
C LYS A 292 -19.26 -18.31 22.83
N VAL A 293 -20.08 -17.31 23.14
CA VAL A 293 -20.48 -16.29 22.18
C VAL A 293 -20.32 -14.92 22.81
N VAL A 294 -19.77 -13.97 22.04
CA VAL A 294 -19.69 -12.58 22.43
C VAL A 294 -20.83 -11.85 21.73
N PHE A 295 -21.80 -11.36 22.51
CA PHE A 295 -22.88 -10.52 22.00
C PHE A 295 -22.47 -9.05 22.06
N LEU A 296 -22.58 -8.36 20.94
CA LEU A 296 -22.11 -6.98 20.81
C LEU A 296 -23.30 -6.06 20.48
N ASP A 297 -23.71 -5.23 21.44
CA ASP A 297 -24.73 -4.23 21.17
C ASP A 297 -24.29 -3.23 20.11
N GLU A 298 -22.97 -3.09 19.90
CA GLU A 298 -22.45 -2.16 18.90
C GLU A 298 -22.86 -2.53 17.48
N PHE A 299 -23.22 -3.79 17.22
CA PHE A 299 -23.50 -4.26 15.88
C PHE A 299 -24.92 -4.82 15.77
N LYS A 300 -25.86 -4.24 16.53
CA LYS A 300 -27.24 -4.68 16.52
C LYS A 300 -27.87 -4.45 15.14
N ASN A 301 -29.02 -5.11 14.92
CA ASN A 301 -29.69 -5.08 13.63
C ASN A 301 -30.84 -4.08 13.55
N GLU A 305 -31.33 -6.49 18.05
CA GLU A 305 -30.69 -7.75 18.43
C GLU A 305 -29.18 -7.71 18.18
N PRO A 306 -28.39 -7.95 19.23
CA PRO A 306 -26.94 -7.82 19.12
C PRO A 306 -26.31 -8.90 18.25
N ALA A 307 -25.22 -8.51 17.58
CA ALA A 307 -24.48 -9.44 16.74
C ALA A 307 -23.79 -10.50 17.60
N ALA A 308 -23.75 -11.71 17.07
CA ALA A 308 -23.16 -12.85 17.76
C ALA A 308 -21.79 -13.15 17.15
N PHE A 309 -20.76 -13.09 17.97
CA PHE A 309 -19.36 -13.28 17.61
C PHE A 309 -18.91 -14.54 18.35
N ILE A 310 -19.01 -15.70 17.69
CA ILE A 310 -18.78 -17.00 18.31
C ILE A 310 -17.28 -17.22 18.50
N VAL A 311 -16.86 -17.56 19.72
CA VAL A 311 -15.44 -17.77 19.99
C VAL A 311 -15.11 -19.23 20.29
N GLN A 312 -16.08 -20.06 20.63
CA GLN A 312 -15.82 -21.50 20.70
C GLN A 312 -17.15 -22.22 20.48
N LYS A 313 -17.09 -23.27 19.66
CA LYS A 313 -18.29 -24.03 19.30
C LYS A 313 -18.67 -25.03 20.39
N GLN A 314 -19.95 -25.44 20.36
N GLN A 314 -19.90 -25.57 20.29
CA GLN A 314 -20.36 -26.61 21.13
CA GLN A 314 -20.45 -26.42 21.34
C GLN A 314 -19.55 -27.79 20.64
C GLN A 314 -19.55 -27.61 21.67
N GLY A 315 -18.92 -28.49 21.58
N GLY A 315 -18.90 -28.19 20.66
CA GLY A 315 -18.00 -29.54 21.23
CA GLY A 315 -18.08 -29.36 20.84
C GLY A 315 -16.55 -29.13 21.25
C GLY A 315 -16.61 -29.10 21.09
N GLY A 316 -16.24 -27.84 21.32
CA GLY A 316 -14.88 -27.42 21.62
C GLY A 316 -14.12 -26.81 20.47
N GLY A 317 -14.65 -26.86 19.26
CA GLY A 317 -13.90 -26.36 18.12
C GLY A 317 -13.74 -24.86 18.15
N PHE A 318 -12.61 -24.39 17.63
CA PHE A 318 -12.31 -22.96 17.55
C PHE A 318 -12.53 -22.45 16.14
N LEU A 319 -12.51 -21.13 16.01
CA LEU A 319 -12.94 -20.47 14.80
C LEU A 319 -11.92 -19.43 14.40
N TYR A 320 -12.09 -18.93 13.17
CA TYR A 320 -11.32 -17.78 12.70
C TYR A 320 -11.26 -16.67 13.74
N ALA A 321 -12.41 -16.31 14.32
CA ALA A 321 -12.46 -15.28 15.36
C ALA A 321 -11.53 -15.62 16.54
N SER A 322 -11.52 -16.89 16.97
CA SER A 322 -10.69 -17.30 18.09
C SER A 322 -9.22 -17.05 17.80
N THR A 323 -8.76 -17.48 16.63
CA THR A 323 -7.36 -17.28 16.25
C THR A 323 -7.01 -15.80 16.19
N ASP A 324 -7.89 -14.97 15.61
CA ASP A 324 -7.49 -13.57 15.47
C ASP A 324 -7.49 -12.85 16.82
N LEU A 325 -8.32 -13.29 17.77
CA LEU A 325 -8.24 -12.70 19.11
C LEU A 325 -6.91 -13.04 19.76
N ALA A 326 -6.50 -14.31 19.69
CA ALA A 326 -5.23 -14.72 20.26
C ALA A 326 -4.08 -14.00 19.57
N CYS A 327 -4.17 -13.89 18.25
CA CYS A 327 -3.10 -13.25 17.49
C CYS A 327 -2.99 -11.77 17.83
N LEU A 328 -4.12 -11.06 17.94
CA LEU A 328 -4.06 -9.65 18.35
C LEU A 328 -3.41 -9.50 19.73
N ARG A 329 -3.80 -10.34 20.69
CA ARG A 329 -3.18 -10.29 22.02
C ARG A 329 -1.67 -10.43 21.95
N TYR A 330 -1.19 -11.33 21.09
CA TYR A 330 0.24 -11.51 20.91
C TYR A 330 0.88 -10.27 20.27
N ARG A 331 0.23 -9.70 19.26
CA ARG A 331 0.86 -8.57 18.56
C ARG A 331 0.96 -7.35 19.46
N ILE A 332 -0.06 -7.14 20.31
CA ILE A 332 0.00 -6.06 21.30
C ILE A 332 0.92 -6.43 22.44
N GLY A 333 0.69 -7.59 23.05
CA GLY A 333 1.33 -7.88 24.32
C GLY A 333 2.77 -8.36 24.20
N ARG A 334 3.13 -9.02 23.10
CA ARG A 334 4.48 -9.56 22.93
C ARG A 334 5.29 -8.78 21.91
N LEU A 335 4.69 -8.42 20.77
CA LEU A 335 5.43 -7.62 19.78
C LEU A 335 5.44 -6.14 20.14
N LYS A 336 4.63 -5.73 21.12
CA LYS A 336 4.59 -4.35 21.60
C LYS A 336 4.23 -3.38 20.48
N ALA A 337 3.33 -3.80 19.61
CA ALA A 337 2.81 -2.94 18.55
C ALA A 337 1.96 -1.78 19.09
N GLY A 338 2.16 -0.58 18.53
CA GLY A 338 1.30 0.54 18.81
C GLY A 338 0.22 0.71 17.75
N ARG A 339 0.42 0.06 16.60
CA ARG A 339 -0.51 0.18 15.48
C ARG A 339 -0.59 -1.16 14.76
N LEU A 340 -1.80 -1.67 14.54
CA LEU A 340 -2.02 -2.90 13.78
C LEU A 340 -2.74 -2.59 12.48
N LEU A 341 -2.18 -3.05 11.34
CA LEU A 341 -2.84 -2.91 10.04
C LEU A 341 -3.17 -4.30 9.50
N TYR A 342 -4.43 -4.51 9.09
CA TYR A 342 -4.82 -5.78 8.47
C TYR A 342 -5.26 -5.50 7.04
N VAL A 343 -4.44 -5.91 6.06
CA VAL A 343 -4.73 -5.65 4.65
C VAL A 343 -5.48 -6.86 4.11
N VAL A 344 -6.82 -6.73 4.02
CA VAL A 344 -7.69 -7.90 3.84
C VAL A 344 -8.84 -7.54 2.91
N ASP A 345 -9.33 -8.55 2.18
CA ASP A 345 -10.50 -8.40 1.34
C ASP A 345 -11.66 -7.77 2.10
N HIS A 346 -12.31 -6.80 1.44
CA HIS A 346 -13.36 -5.98 2.05
C HIS A 346 -14.51 -6.81 2.61
N ARG A 347 -14.70 -8.02 2.10
CA ARG A 347 -15.82 -8.83 2.60
C ARG A 347 -15.62 -9.30 4.03
N GLN A 348 -14.43 -9.11 4.61
CA GLN A 348 -14.17 -9.48 6.00
C GLN A 348 -14.26 -8.29 6.97
N ALA A 349 -14.80 -7.16 6.53
CA ALA A 349 -14.82 -5.95 7.36
C ALA A 349 -15.51 -6.19 8.71
N LEU A 350 -16.68 -6.85 8.70
CA LEU A 350 -17.42 -7.07 9.93
C LEU A 350 -16.64 -7.95 10.91
N HIS A 351 -15.94 -8.97 10.40
CA HIS A 351 -15.07 -9.78 11.27
C HIS A 351 -14.08 -8.92 12.02
N PHE A 352 -13.41 -8.01 11.32
CA PHE A 352 -12.40 -7.22 12.01
C PHE A 352 -13.00 -6.14 12.90
N GLU A 353 -14.12 -5.53 12.50
CA GLU A 353 -14.81 -4.60 13.39
C GLU A 353 -15.18 -5.26 14.71
N GLN A 354 -15.68 -6.50 14.65
CA GLN A 354 -16.04 -7.20 15.88
C GLN A 354 -14.81 -7.63 16.66
N LEU A 355 -13.77 -8.10 15.97
CA LEU A 355 -12.47 -8.34 16.59
C LEU A 355 -11.99 -7.12 17.38
N PHE A 356 -11.96 -5.95 16.74
CA PHE A 356 -11.41 -4.78 17.43
C PHE A 356 -12.28 -4.40 18.64
N THR A 357 -13.60 -4.37 18.48
CA THR A 357 -14.47 -3.98 19.58
C THR A 357 -14.33 -4.95 20.74
N THR A 358 -14.32 -6.26 20.45
CA THR A 358 -14.17 -7.26 21.52
C THR A 358 -12.83 -7.08 22.21
N SER A 359 -11.77 -6.83 21.43
CA SER A 359 -10.44 -6.71 22.00
C SER A 359 -10.31 -5.47 22.87
N ARG A 360 -10.96 -4.36 22.48
CA ARG A 360 -10.96 -3.18 23.36
C ARG A 360 -11.70 -3.45 24.68
N LYS A 361 -12.86 -4.10 24.61
CA LYS A 361 -13.61 -4.41 25.81
C LYS A 361 -12.85 -5.36 26.74
N ALA A 362 -12.10 -6.30 26.17
CA ALA A 362 -11.35 -7.27 26.95
C ALA A 362 -10.04 -6.72 27.49
N GLY A 363 -9.61 -5.55 27.03
CA GLY A 363 -8.29 -5.06 27.42
C GLY A 363 -7.14 -5.60 26.59
N TYR A 364 -7.40 -6.38 25.54
CA TYR A 364 -6.33 -6.86 24.68
C TYR A 364 -5.78 -5.73 23.83
N LEU A 365 -6.63 -4.77 23.47
CA LEU A 365 -6.24 -3.63 22.66
C LEU A 365 -6.33 -2.36 23.49
N PRO A 366 -5.22 -1.83 23.99
CA PRO A 366 -5.28 -0.66 24.87
C PRO A 366 -5.85 0.56 24.18
N GLU A 367 -6.32 1.51 25.00
CA GLU A 367 -6.96 2.72 24.47
C GLU A 367 -6.03 3.49 23.54
N ASP A 368 -4.73 3.52 23.82
CA ASP A 368 -3.80 4.28 22.99
C ASP A 368 -3.20 3.46 21.84
N ALA A 369 -3.65 2.23 21.63
CA ALA A 369 -3.24 1.47 20.44
C ALA A 369 -4.25 1.67 19.31
N LYS A 370 -3.75 1.63 18.08
CA LYS A 370 -4.55 1.75 16.87
C LYS A 370 -4.67 0.38 16.22
N ALA A 371 -5.87 0.04 15.73
CA ALA A 371 -6.05 -1.15 14.92
C ALA A 371 -6.92 -0.76 13.76
N GLU A 372 -6.45 -1.06 12.55
CA GLU A 372 -7.05 -0.54 11.32
C GLU A 372 -7.32 -1.68 10.34
N PHE A 373 -8.54 -1.72 9.83
CA PHE A 373 -8.91 -2.63 8.74
C PHE A 373 -8.61 -1.90 7.44
N ILE A 374 -7.62 -2.40 6.72
CA ILE A 374 -7.17 -1.84 5.43
C ILE A 374 -7.81 -2.68 4.33
N GLY A 375 -9.07 -2.36 4.01
CA GLY A 375 -9.82 -3.21 3.10
C GLY A 375 -9.51 -2.94 1.64
N PHE A 376 -9.73 -3.94 0.78
CA PHE A 376 -9.64 -3.74 -0.67
C PHE A 376 -10.78 -4.47 -1.37
N GLY A 377 -11.14 -3.95 -2.56
CA GLY A 377 -12.28 -4.46 -3.30
C GLY A 377 -11.97 -5.73 -4.06
N THR A 378 -13.03 -6.27 -4.67
CA THR A 378 -12.95 -7.53 -5.40
C THR A 378 -12.35 -7.31 -6.77
N MET A 379 -11.49 -8.24 -7.20
CA MET A 379 -10.96 -8.22 -8.56
C MET A 379 -11.99 -8.80 -9.52
N MET A 380 -12.31 -8.04 -10.57
CA MET A 380 -13.38 -8.38 -11.50
C MET A 380 -12.83 -8.54 -12.91
N GLY A 381 -13.57 -9.26 -13.75
CA GLY A 381 -13.35 -9.22 -15.17
C GLY A 381 -14.11 -8.08 -15.81
N LYS A 382 -13.97 -7.97 -17.14
CA LYS A 382 -14.60 -6.88 -17.87
C LYS A 382 -16.12 -6.95 -17.82
N ASP A 383 -16.71 -8.09 -17.46
CA ASP A 383 -18.16 -8.23 -17.35
C ASP A 383 -18.68 -7.86 -15.96
N GLY A 384 -17.85 -7.33 -15.07
CA GLY A 384 -18.27 -6.99 -13.74
C GLY A 384 -18.42 -8.17 -12.79
N LYS A 385 -18.25 -9.39 -13.27
CA LYS A 385 -18.25 -10.60 -12.47
C LYS A 385 -16.83 -10.89 -12.00
N PRO A 386 -16.68 -11.66 -10.92
CA PRO A 386 -15.34 -11.90 -10.36
C PRO A 386 -14.39 -12.49 -11.39
N PHE A 387 -13.11 -12.13 -11.24
CA PHE A 387 -12.09 -12.37 -12.25
C PHE A 387 -11.81 -13.87 -12.39
N LYS A 388 -11.99 -14.39 -13.60
CA LYS A 388 -11.75 -15.79 -13.92
C LYS A 388 -11.04 -15.88 -15.27
N THR A 389 -10.56 -17.07 -15.60
CA THR A 389 -10.03 -17.28 -16.95
C THR A 389 -11.18 -17.21 -17.96
N ARG A 390 -10.80 -17.13 -19.25
CA ARG A 390 -11.80 -17.06 -20.31
CA ARG A 390 -11.78 -17.07 -20.32
C ARG A 390 -12.76 -18.24 -20.22
N SER A 391 -12.26 -19.41 -19.84
CA SER A 391 -13.08 -20.61 -19.73
C SER A 391 -13.77 -20.73 -18.39
N GLY A 392 -13.65 -19.72 -17.51
CA GLY A 392 -14.34 -19.73 -16.23
C GLY A 392 -13.60 -20.33 -15.06
N ASP A 393 -12.32 -20.67 -15.20
CA ASP A 393 -11.60 -21.34 -14.12
C ASP A 393 -10.89 -20.33 -13.22
N THR A 394 -10.37 -20.83 -12.10
CA THR A 394 -9.63 -19.98 -11.17
C THR A 394 -8.32 -19.54 -11.83
N VAL A 395 -8.03 -18.24 -11.73
CA VAL A 395 -6.81 -17.68 -12.28
C VAL A 395 -5.62 -18.19 -11.49
N LYS A 396 -4.60 -18.69 -12.19
CA LYS A 396 -3.37 -19.11 -11.55
C LYS A 396 -2.42 -17.92 -11.54
N LEU A 397 -1.93 -17.53 -10.36
CA LEU A 397 -1.10 -16.33 -10.29
C LEU A 397 0.19 -16.49 -11.08
N VAL A 398 0.83 -17.68 -11.02
CA VAL A 398 2.05 -17.87 -11.80
C VAL A 398 1.80 -17.64 -13.29
N ASP A 399 0.68 -18.14 -13.81
CA ASP A 399 0.34 -17.92 -15.21
C ASP A 399 0.11 -16.44 -15.51
N LEU A 400 -0.60 -15.75 -14.61
CA LEU A 400 -0.94 -14.34 -14.78
C LEU A 400 0.33 -13.50 -14.87
N LEU A 401 1.28 -13.75 -13.96
CA LEU A 401 2.54 -12.99 -14.00
C LEU A 401 3.40 -13.33 -15.20
N THR A 402 3.47 -14.61 -15.61
CA THR A 402 4.18 -14.94 -16.83
C THR A 402 3.56 -14.22 -18.03
N GLU A 403 2.22 -14.13 -18.04
CA GLU A 403 1.55 -13.51 -19.17
C GLU A 403 1.86 -12.02 -19.23
N ALA A 404 1.86 -11.35 -18.07
CA ALA A 404 2.21 -9.93 -17.99
C ALA A 404 3.60 -9.68 -18.58
N VAL A 405 4.56 -10.53 -18.22
CA VAL A 405 5.92 -10.34 -18.74
C VAL A 405 5.99 -10.62 -20.23
N GLU A 406 5.32 -11.69 -20.69
CA GLU A 406 5.32 -11.97 -22.13
C GLU A 406 4.66 -10.85 -22.90
N ARG A 407 3.54 -10.32 -22.39
CA ARG A 407 2.84 -9.24 -23.08
C ARG A 407 3.71 -7.99 -23.15
N ALA A 408 4.33 -7.62 -22.02
CA ALA A 408 5.18 -6.43 -22.00
C ALA A 408 6.39 -6.59 -22.91
N THR A 409 6.97 -7.79 -22.96
CA THR A 409 8.12 -8.01 -23.83
C THR A 409 7.74 -7.80 -25.30
N ALA A 410 6.55 -8.26 -25.71
CA ALA A 410 6.14 -8.03 -27.09
C ALA A 410 5.97 -6.55 -27.40
N LEU A 411 5.38 -5.79 -26.47
CA LEU A 411 5.16 -4.37 -26.66
C LEU A 411 6.48 -3.61 -26.70
N VAL A 412 7.41 -3.98 -25.81
CA VAL A 412 8.71 -3.31 -25.76
C VAL A 412 9.49 -3.55 -27.04
N LYS A 413 9.38 -4.75 -27.63
CA LYS A 413 10.03 -5.01 -28.91
C LYS A 413 9.38 -4.22 -30.04
N GLU A 414 8.06 -4.09 -30.01
CA GLU A 414 7.38 -3.21 -30.96
C GLU A 414 7.91 -1.78 -30.88
N LYS A 415 8.03 -1.24 -29.66
CA LYS A 415 8.48 0.14 -29.49
C LYS A 415 9.93 0.33 -29.87
N ASN A 416 10.80 -0.64 -29.58
CA ASN A 416 12.23 -0.56 -29.89
C ASN A 416 12.66 -1.85 -30.58
N PRO A 417 12.45 -1.96 -31.90
CA PRO A 417 12.86 -3.18 -32.62
C PRO A 417 14.36 -3.41 -32.67
N GLU A 418 15.17 -2.51 -32.12
CA GLU A 418 16.61 -2.70 -32.11
C GLU A 418 17.09 -3.37 -30.83
N LEU A 419 16.17 -3.70 -29.92
CA LEU A 419 16.55 -4.43 -28.72
C LEU A 419 16.85 -5.87 -29.07
N GLY A 420 17.90 -6.41 -28.45
CA GLY A 420 18.14 -7.84 -28.53
C GLY A 420 17.14 -8.60 -27.69
N ALA A 421 17.00 -9.90 -27.98
CA ALA A 421 16.00 -10.72 -27.30
C ALA A 421 16.16 -10.68 -25.78
N ASP A 422 17.41 -10.76 -25.30
CA ASP A 422 17.63 -10.82 -23.87
C ASP A 422 17.38 -9.47 -23.21
N GLU A 423 17.84 -8.41 -23.86
CA GLU A 423 17.55 -7.07 -23.35
C GLU A 423 16.05 -6.80 -23.32
N ALA A 424 15.33 -7.21 -24.37
CA ALA A 424 13.89 -7.00 -24.40
C ALA A 424 13.20 -7.76 -23.28
N ALA A 425 13.65 -8.97 -23.00
CA ALA A 425 13.04 -9.76 -21.94
C ALA A 425 13.30 -9.16 -20.57
N LYS A 426 14.49 -8.60 -20.34
CA LYS A 426 14.75 -7.96 -19.06
C LYS A 426 13.87 -6.73 -18.87
N ILE A 427 13.76 -5.89 -19.91
CA ILE A 427 12.86 -4.74 -19.87
C ILE A 427 11.42 -5.20 -19.69
N GLY A 428 11.03 -6.25 -20.40
CA GLY A 428 9.67 -6.73 -20.33
C GLY A 428 9.30 -7.18 -18.92
N LYS A 429 10.25 -7.77 -18.20
CA LYS A 429 9.94 -8.17 -16.83
C LYS A 429 9.66 -6.94 -15.96
N THR A 430 10.50 -5.91 -16.09
CA THR A 430 10.32 -4.70 -15.28
C THR A 430 9.00 -3.98 -15.61
N VAL A 431 8.66 -3.90 -16.90
CA VAL A 431 7.43 -3.23 -17.30
C VAL A 431 6.21 -4.08 -16.94
N GLY A 432 6.28 -5.40 -17.20
CA GLY A 432 5.12 -6.26 -17.03
C GLY A 432 4.73 -6.39 -15.55
N ILE A 433 5.71 -6.69 -14.70
CA ILE A 433 5.40 -6.79 -13.27
C ILE A 433 5.07 -5.43 -12.72
N GLY A 434 5.77 -4.40 -13.21
CA GLY A 434 5.43 -3.06 -12.77
C GLY A 434 3.99 -2.72 -13.07
N ALA A 435 3.48 -3.15 -14.23
CA ALA A 435 2.11 -2.83 -14.60
C ALA A 435 1.11 -3.61 -13.74
N VAL A 436 1.41 -4.87 -13.44
CA VAL A 436 0.55 -5.60 -12.51
C VAL A 436 0.39 -4.84 -11.19
N LYS A 437 1.50 -4.32 -10.67
CA LYS A 437 1.40 -3.59 -9.40
C LYS A 437 0.71 -2.24 -9.58
N TYR A 438 1.09 -1.47 -10.61
CA TYR A 438 0.58 -0.12 -10.71
C TYR A 438 -0.91 -0.07 -11.05
N ALA A 439 -1.39 -0.97 -11.91
CA ALA A 439 -2.80 -0.95 -12.26
C ALA A 439 -3.67 -1.21 -11.04
N ASP A 440 -3.14 -1.94 -10.06
CA ASP A 440 -3.85 -2.08 -8.79
C ASP A 440 -3.66 -0.82 -7.93
N LEU A 441 -2.40 -0.48 -7.63
CA LEU A 441 -2.10 0.55 -6.64
C LEU A 441 -2.59 1.94 -7.04
N SER A 442 -2.71 2.22 -8.35
CA SER A 442 -3.17 3.54 -8.75
C SER A 442 -4.67 3.75 -8.60
N LYS A 443 -5.43 2.71 -8.26
CA LYS A 443 -6.86 2.81 -7.96
C LYS A 443 -7.03 2.82 -6.44
N ASN A 444 -8.00 3.61 -5.97
CA ASN A 444 -8.40 3.53 -4.55
C ASN A 444 -8.64 2.07 -4.19
N ARG A 445 -7.86 1.56 -3.20
CA ARG A 445 -7.90 0.13 -2.88
C ARG A 445 -9.33 -0.36 -2.57
N THR A 446 -10.18 0.51 -2.02
CA THR A 446 -11.49 0.00 -1.58
C THR A 446 -12.45 -0.29 -2.73
N SER A 447 -12.21 0.27 -3.92
CA SER A 447 -13.07 0.00 -5.07
C SER A 447 -12.82 -1.40 -5.63
N ASP A 448 -13.88 -1.99 -6.20
CA ASP A 448 -13.68 -3.17 -7.03
C ASP A 448 -12.81 -2.78 -8.21
N TYR A 449 -12.02 -3.74 -8.66
CA TYR A 449 -10.92 -3.49 -9.61
C TYR A 449 -11.14 -4.37 -10.84
N VAL A 450 -11.36 -3.75 -12.00
CA VAL A 450 -11.52 -4.50 -13.25
C VAL A 450 -10.14 -4.73 -13.86
N PHE A 451 -9.73 -6.00 -13.95
CA PHE A 451 -8.42 -6.27 -14.54
C PHE A 451 -8.49 -6.06 -16.06
N ASP A 452 -7.47 -5.40 -16.63
CA ASP A 452 -7.60 -5.03 -18.05
C ASP A 452 -6.19 -4.94 -18.67
N TRP A 453 -5.82 -5.92 -19.50
CA TRP A 453 -4.50 -5.89 -20.13
C TRP A 453 -4.28 -4.63 -20.96
N ASP A 454 -5.28 -4.23 -21.75
CA ASP A 454 -5.09 -3.09 -22.64
CA ASP A 454 -5.09 -3.08 -22.64
C ASP A 454 -4.81 -1.81 -21.85
N ALA A 455 -5.57 -1.58 -20.76
CA ALA A 455 -5.40 -0.36 -20.00
C ALA A 455 -4.06 -0.32 -19.29
N MET A 456 -3.67 -1.43 -18.64
CA MET A 456 -2.51 -1.41 -17.76
C MET A 456 -1.19 -1.34 -18.52
N LEU A 457 -1.18 -1.76 -19.78
CA LEU A 457 0.05 -1.80 -20.57
C LEU A 457 0.11 -0.67 -21.58
N SER A 458 -0.85 0.25 -21.56
CA SER A 458 -0.73 1.43 -22.42
C SER A 458 0.49 2.26 -22.04
N PHE A 459 1.20 2.75 -23.05
CA PHE A 459 2.37 3.58 -22.77
C PHE A 459 2.01 5.05 -22.58
N GLU A 460 0.75 5.44 -22.78
CA GLU A 460 0.28 6.77 -22.43
C GLU A 460 -0.73 6.71 -21.28
N GLY A 461 -0.96 7.87 -20.68
CA GLY A 461 -1.91 7.84 -19.59
C GLY A 461 -1.28 7.31 -18.31
N ASN A 462 -2.14 7.00 -17.34
CA ASN A 462 -1.68 6.79 -15.98
C ASN A 462 -1.37 5.31 -15.76
N THR A 463 -0.15 4.93 -16.19
CA THR A 463 0.29 3.53 -16.18
C THR A 463 1.74 3.45 -15.74
N ALA A 464 2.16 2.24 -15.33
CA ALA A 464 3.58 2.05 -15.01
C ALA A 464 4.47 2.32 -16.21
N PRO A 465 4.20 1.76 -17.40
CA PRO A 465 5.09 2.05 -18.54
C PRO A 465 5.20 3.54 -18.82
N TYR A 466 4.11 4.32 -18.70
CA TYR A 466 4.24 5.76 -18.89
C TYR A 466 5.26 6.37 -17.93
N LEU A 467 5.16 6.03 -16.63
CA LEU A 467 6.07 6.58 -15.63
C LEU A 467 7.48 6.04 -15.82
N GLN A 468 7.61 4.76 -16.18
CA GLN A 468 8.95 4.20 -16.41
C GLN A 468 9.64 4.86 -17.59
N TYR A 469 8.93 5.01 -18.70
CA TYR A 469 9.52 5.70 -19.85
C TYR A 469 9.76 7.17 -19.54
N ALA A 470 8.95 7.77 -18.67
CA ALA A 470 9.21 9.14 -18.26
C ALA A 470 10.54 9.26 -17.53
N TYR A 471 10.82 8.31 -16.63
CA TYR A 471 12.12 8.29 -15.96
C TYR A 471 13.24 8.14 -16.97
N THR A 472 13.09 7.24 -17.95
CA THR A 472 14.15 7.04 -18.94
C THR A 472 14.36 8.30 -19.76
N ARG A 473 13.29 9.04 -20.05
CA ARG A 473 13.46 10.29 -20.79
CA ARG A 473 13.43 10.31 -20.78
C ARG A 473 14.27 11.31 -19.98
N VAL A 474 14.05 11.38 -18.66
CA VAL A 474 14.88 12.25 -17.82
C VAL A 474 16.34 11.86 -17.94
N GLN A 475 16.63 10.54 -17.91
CA GLN A 475 18.01 10.09 -18.06
C GLN A 475 18.57 10.46 -19.43
N SER A 476 17.73 10.42 -20.48
CA SER A 476 18.22 10.78 -21.81
CA SER A 476 18.24 10.77 -21.80
CA SER A 476 18.22 10.78 -21.81
C SER A 476 18.66 12.23 -21.86
N VAL A 477 17.97 13.12 -21.12
CA VAL A 477 18.40 14.53 -21.07
C VAL A 477 19.84 14.62 -20.59
N PHE A 478 20.18 13.88 -19.53
CA PHE A 478 21.54 13.93 -18.99
C PHE A 478 22.56 13.27 -19.92
N ARG A 479 22.16 12.25 -20.69
CA ARG A 479 23.05 11.70 -21.70
C ARG A 479 23.41 12.75 -22.74
N LYS A 480 22.51 13.72 -22.95
CA LYS A 480 22.70 14.72 -23.99
C LYS A 480 23.35 16.01 -23.50
N ALA A 481 23.22 16.34 -22.21
CA ALA A 481 23.53 17.67 -21.73
C ALA A 481 25.02 17.93 -21.51
N GLY A 482 25.84 16.87 -21.41
CA GLY A 482 27.24 17.10 -21.07
C GLY A 482 27.41 17.55 -19.62
N GLU A 483 28.53 18.24 -19.37
CA GLU A 483 28.86 18.67 -18.02
C GLU A 483 27.83 19.67 -17.50
N TRP A 484 27.48 19.50 -16.23
CA TRP A 484 26.66 20.46 -15.51
C TRP A 484 27.07 20.38 -14.05
N ASP A 485 26.54 21.28 -13.23
CA ASP A 485 26.95 21.39 -11.83
C ASP A 485 25.73 21.41 -10.93
N ALA A 486 25.46 20.29 -10.26
CA ALA A 486 24.31 20.25 -9.37
C ALA A 486 24.45 21.18 -8.15
N THR A 487 25.65 21.68 -7.86
CA THR A 487 25.88 22.53 -6.70
C THR A 487 25.69 24.02 -7.00
N ALA A 488 25.46 24.40 -8.25
CA ALA A 488 25.35 25.81 -8.60
C ALA A 488 24.07 26.45 -8.03
N PRO A 489 24.12 27.75 -7.71
CA PRO A 489 22.93 28.44 -7.23
C PRO A 489 21.77 28.28 -8.21
N THR A 490 20.58 28.01 -7.64
CA THR A 490 19.38 27.73 -8.41
C THR A 490 18.58 29.01 -8.61
N VAL A 491 18.09 29.23 -9.83
CA VAL A 491 17.24 30.37 -10.16
CA VAL A 491 17.21 30.36 -10.13
C VAL A 491 16.00 29.83 -10.87
N LEU A 492 14.81 30.32 -10.50
CA LEU A 492 13.57 29.93 -11.15
C LEU A 492 12.87 31.20 -11.62
N THR A 493 12.64 31.30 -12.94
CA THR A 493 12.11 32.50 -13.56
C THR A 493 10.79 32.29 -14.32
N GLU A 494 10.45 31.04 -14.71
CA GLU A 494 9.29 30.81 -15.57
C GLU A 494 8.16 30.10 -14.83
N PRO A 495 6.92 30.29 -15.29
CA PRO A 495 5.77 29.71 -14.57
C PRO A 495 5.86 28.20 -14.36
N LEU A 496 6.17 27.43 -15.41
CA LEU A 496 6.20 25.98 -15.25
C LEU A 496 7.42 25.51 -14.46
N GLU A 497 8.53 26.25 -14.52
CA GLU A 497 9.66 26.02 -13.61
C GLU A 497 9.19 26.07 -12.16
N LYS A 498 8.47 27.13 -11.81
CA LYS A 498 8.03 27.30 -10.42
C LYS A 498 6.99 26.28 -10.02
N GLN A 499 6.05 25.97 -10.93
CA GLN A 499 5.03 24.98 -10.63
C GLN A 499 5.65 23.61 -10.40
N LEU A 500 6.64 23.24 -11.23
CA LEU A 500 7.28 21.94 -11.04
C LEU A 500 8.06 21.89 -9.73
N ALA A 501 8.78 22.98 -9.41
CA ALA A 501 9.52 23.02 -8.14
C ALA A 501 8.59 22.80 -6.96
N ALA A 502 7.44 23.49 -6.97
CA ALA A 502 6.50 23.38 -5.85
C ALA A 502 5.95 21.96 -5.74
N GLU A 503 5.68 21.32 -6.88
CA GLU A 503 5.22 19.94 -6.87
C GLU A 503 6.27 18.99 -6.31
N LEU A 504 7.55 19.18 -6.68
CA LEU A 504 8.60 18.29 -6.17
C LEU A 504 8.73 18.42 -4.65
N LEU A 505 8.51 19.62 -4.09
CA LEU A 505 8.66 19.81 -2.66
C LEU A 505 7.50 19.20 -1.86
N LYS A 506 6.45 18.76 -2.53
CA LYS A 506 5.32 18.10 -1.83
C LYS A 506 5.60 16.64 -1.50
N PHE A 507 6.69 16.07 -2.00
CA PHE A 507 6.95 14.62 -1.88
C PHE A 507 6.81 14.12 -0.44
N GLU A 508 7.50 14.77 0.51
CA GLU A 508 7.44 14.30 1.90
C GLU A 508 6.00 14.26 2.41
N ASN A 509 5.22 15.33 2.15
CA ASN A 509 3.83 15.39 2.63
C ASN A 509 2.98 14.26 2.04
N VAL A 510 3.18 13.98 0.74
CA VAL A 510 2.46 12.88 0.09
C VAL A 510 2.78 11.56 0.78
N LEU A 511 4.06 11.32 1.05
CA LEU A 511 4.44 10.05 1.66
C LEU A 511 3.88 9.95 3.07
N GLN A 512 3.91 11.06 3.82
CA GLN A 512 3.33 11.00 5.17
C GLN A 512 1.81 10.75 5.11
N SER A 513 1.13 11.30 4.09
CA SER A 513 -0.30 11.02 3.96
CA SER A 513 -0.30 11.03 3.95
C SER A 513 -0.57 9.55 3.69
N VAL A 514 0.29 8.91 2.88
CA VAL A 514 0.10 7.48 2.61
C VAL A 514 0.36 6.67 3.88
N ALA A 515 1.41 7.02 4.63
CA ALA A 515 1.69 6.33 5.89
C ALA A 515 0.50 6.43 6.84
N ASP A 516 -0.14 7.61 6.93
CA ASP A 516 -1.23 7.84 7.87
C ASP A 516 -2.52 7.12 7.45
N THR A 517 -2.85 7.17 6.17
CA THR A 517 -4.15 6.69 5.66
C THR A 517 -4.09 5.30 5.02
N ALA A 518 -2.88 4.80 4.73
CA ALA A 518 -2.70 3.52 4.05
C ALA A 518 -3.41 3.47 2.69
N TYR A 519 -3.30 4.57 1.92
CA TYR A 519 -3.83 4.66 0.56
C TYR A 519 -2.69 4.90 -0.43
N PRO A 520 -2.05 3.86 -0.96
CA PRO A 520 -0.95 4.10 -1.93
C PRO A 520 -1.38 4.84 -3.18
N HIS A 521 -2.68 4.89 -3.51
CA HIS A 521 -3.07 5.56 -4.75
C HIS A 521 -2.84 7.07 -4.69
N TYR A 522 -2.73 7.65 -3.48
CA TYR A 522 -2.29 9.05 -3.36
C TYR A 522 -0.88 9.23 -3.91
N LEU A 523 0.02 8.27 -3.65
CA LEU A 523 1.38 8.36 -4.19
C LEU A 523 1.38 8.17 -5.71
N ALA A 524 0.65 7.16 -6.21
CA ALA A 524 0.53 6.99 -7.66
C ALA A 524 0.01 8.26 -8.33
N ALA A 525 -1.02 8.87 -7.77
CA ALA A 525 -1.58 10.09 -8.35
C ALA A 525 -0.54 11.21 -8.39
N TYR A 526 0.22 11.35 -7.30
CA TYR A 526 1.28 12.36 -7.25
C TYR A 526 2.31 12.13 -8.33
N LEU A 527 2.80 10.90 -8.46
CA LEU A 527 3.83 10.62 -9.47
C LEU A 527 3.33 10.90 -10.88
N TYR A 528 2.07 10.54 -11.17
CA TYR A 528 1.54 10.82 -12.51
C TYR A 528 1.43 12.33 -12.76
N GLN A 529 0.95 13.07 -11.77
CA GLN A 529 0.91 14.52 -11.88
C GLN A 529 2.30 15.11 -12.06
N ALA A 530 3.28 14.61 -11.31
CA ALA A 530 4.64 15.14 -11.42
C ALA A 530 5.24 14.86 -12.80
N ALA A 531 5.07 13.64 -13.32
CA ALA A 531 5.60 13.30 -14.64
C ALA A 531 4.91 14.08 -15.74
N THR A 532 3.59 14.24 -15.67
CA THR A 532 2.94 15.00 -16.74
CA THR A 532 2.89 15.02 -16.70
C THR A 532 3.33 16.47 -16.67
N LEU A 533 3.50 17.01 -15.47
CA LEU A 533 3.97 18.40 -15.35
C LEU A 533 5.41 18.54 -15.84
N PHE A 534 6.27 17.56 -15.55
CA PHE A 534 7.63 17.62 -16.11
C PHE A 534 7.58 17.68 -17.63
N SER A 535 6.69 16.89 -18.25
CA SER A 535 6.62 16.89 -19.71
CA SER A 535 6.62 16.89 -19.71
C SER A 535 6.19 18.25 -20.25
N ARG A 536 5.22 18.90 -19.58
CA ARG A 536 4.83 20.24 -20.00
CA ARG A 536 4.82 20.24 -19.99
C ARG A 536 5.97 21.23 -19.81
N PHE A 537 6.65 21.14 -18.67
CA PHE A 537 7.83 21.98 -18.42
C PHE A 537 8.88 21.78 -19.50
N TYR A 538 9.14 20.53 -19.89
CA TYR A 538 10.20 20.25 -20.85
C TYR A 538 9.88 20.85 -22.22
N GLU A 539 8.61 20.86 -22.60
CA GLU A 539 8.21 21.47 -23.88
C GLU A 539 8.28 23.00 -23.82
N ALA A 540 7.87 23.60 -22.70
CA ALA A 540 7.76 25.05 -22.60
C ALA A 540 9.08 25.74 -22.25
N CYS A 541 10.01 25.04 -21.60
CA CYS A 541 11.21 25.62 -21.02
C CYS A 541 12.38 24.78 -21.52
N PRO A 542 12.82 25.00 -22.76
CA PRO A 542 13.89 24.17 -23.33
C PRO A 542 15.10 24.10 -22.40
N ILE A 543 15.60 22.88 -22.19
CA ILE A 543 16.70 22.70 -21.27
C ILE A 543 18.01 22.84 -22.04
N LEU A 544 18.17 22.02 -23.09
CA LEU A 544 19.43 22.00 -23.84
C LEU A 544 19.67 23.30 -24.62
N LYS A 545 18.61 24.03 -24.96
CA LYS A 545 18.77 25.31 -25.64
C LYS A 545 19.17 26.42 -24.68
N ALA A 546 18.96 26.23 -23.39
CA ALA A 546 19.26 27.24 -22.40
C ALA A 546 20.77 27.33 -22.17
N GLU A 547 21.18 28.41 -21.53
CA GLU A 547 22.56 28.62 -21.13
C GLU A 547 22.60 29.09 -19.69
N GLY A 548 23.80 29.07 -19.11
CA GLY A 548 24.03 29.72 -17.83
C GLY A 548 23.23 29.14 -16.70
N ALA A 549 22.76 30.01 -15.79
CA ALA A 549 22.02 29.53 -14.61
C ALA A 549 20.69 28.93 -14.99
N SER A 550 20.06 29.41 -16.05
CA SER A 550 18.79 28.83 -16.49
C SER A 550 18.99 27.37 -16.87
N ARG A 551 20.02 27.07 -17.67
CA ARG A 551 20.29 25.69 -18.08
C ARG A 551 20.55 24.83 -16.86
N ASN A 552 21.43 25.29 -15.97
CA ASN A 552 21.81 24.48 -14.83
C ASN A 552 20.64 24.26 -13.88
N SER A 553 19.79 25.28 -13.71
CA SER A 553 18.64 25.13 -12.81
C SER A 553 17.58 24.20 -13.39
N ARG A 554 17.41 24.21 -14.71
CA ARG A 554 16.47 23.30 -15.33
C ARG A 554 16.98 21.88 -15.26
N LEU A 555 18.30 21.68 -15.36
CA LEU A 555 18.88 20.36 -15.15
C LEU A 555 18.70 19.92 -13.69
N GLN A 556 18.86 20.85 -12.74
CA GLN A 556 18.59 20.52 -11.35
C GLN A 556 17.14 20.04 -11.17
N LEU A 557 16.18 20.76 -11.76
CA LEU A 557 14.79 20.33 -11.68
C LEU A 557 14.59 18.95 -12.31
N ALA A 558 15.22 18.70 -13.45
CA ALA A 558 15.08 17.39 -14.10
C ALA A 558 15.68 16.28 -13.25
N LYS A 559 16.85 16.55 -12.65
CA LYS A 559 17.48 15.54 -11.80
C LYS A 559 16.60 15.20 -10.60
N LEU A 560 16.04 16.23 -9.95
CA LEU A 560 15.17 15.95 -8.80
C LEU A 560 13.89 15.24 -9.23
N THR A 561 13.37 15.58 -10.41
CA THR A 561 12.20 14.86 -10.95
C THR A 561 12.53 13.38 -11.11
N GLY A 562 13.66 13.09 -11.77
CA GLY A 562 14.07 11.70 -11.93
C GLY A 562 14.23 10.99 -10.59
N ASN A 563 14.88 11.66 -9.62
CA ASN A 563 15.11 11.05 -8.31
C ASN A 563 13.80 10.73 -7.63
N THR A 564 12.83 11.64 -7.77
CA THR A 564 11.53 11.50 -7.10
C THR A 564 10.70 10.42 -7.78
N LEU A 565 10.70 10.38 -9.11
CA LEU A 565 10.04 9.27 -9.80
C LEU A 565 10.61 7.92 -9.38
N LYS A 566 11.94 7.83 -9.32
CA LYS A 566 12.58 6.55 -9.01
C LYS A 566 12.23 6.14 -7.58
N GLN A 567 12.40 7.05 -6.63
CA GLN A 567 12.09 6.74 -5.22
C GLN A 567 10.62 6.43 -5.02
N GLY A 568 9.73 7.25 -5.61
CA GLY A 568 8.30 7.02 -5.44
C GLY A 568 7.85 5.70 -6.05
N LEU A 569 8.34 5.38 -7.24
CA LEU A 569 8.01 4.09 -7.83
C LEU A 569 8.54 2.95 -6.95
N ASP A 570 9.72 3.11 -6.37
CA ASP A 570 10.29 2.05 -5.56
C ASP A 570 9.39 1.77 -4.36
N LEU A 571 8.76 2.81 -3.82
CA LEU A 571 7.88 2.59 -2.66
C LEU A 571 6.54 1.98 -3.05
N LEU A 572 6.22 1.97 -4.34
CA LEU A 572 5.12 1.16 -4.89
C LEU A 572 5.58 -0.24 -5.29
N GLY A 573 6.87 -0.54 -5.15
CA GLY A 573 7.45 -1.81 -5.57
C GLY A 573 7.77 -1.90 -7.06
N ILE A 574 7.98 -0.76 -7.71
CA ILE A 574 8.12 -0.70 -9.15
C ILE A 574 9.51 -0.17 -9.47
N ASP A 575 10.21 -0.83 -10.41
CA ASP A 575 11.59 -0.50 -10.76
C ASP A 575 11.63 0.39 -12.00
N VAL A 576 12.77 1.06 -12.20
CA VAL A 576 12.99 1.88 -13.39
C VAL A 576 14.24 1.39 -14.09
N LEU A 577 14.42 1.86 -15.33
CA LEU A 577 15.59 1.50 -16.13
C LEU A 577 16.25 2.75 -16.70
N ASP A 578 17.57 2.73 -16.75
CA ASP A 578 18.26 3.87 -17.33
CA ASP A 578 18.34 3.82 -17.35
C ASP A 578 18.06 3.94 -18.84
N VAL A 579 17.85 2.79 -19.49
CA VAL A 579 17.64 2.68 -20.93
C VAL A 579 16.51 1.70 -21.17
N MET A 580 15.61 2.02 -22.10
CA MET A 580 14.56 1.09 -22.50
C MET A 580 14.47 1.01 -24.03
N ARG B . -6.06 -16.50 5.12
CA ARG B . -7.23 -15.61 5.07
C ARG B . -7.95 -15.72 3.74
O ARG B . -9.02 -15.12 3.57
CB ARG B . -6.82 -14.15 5.32
CG ARG B . -6.14 -13.89 6.69
CD ARG B . -6.06 -12.40 6.99
NE ARG B . -5.35 -12.05 8.23
CZ ARG B . -5.88 -12.24 9.45
NH1 ARG B . -5.19 -11.86 10.53
NH2 ARG B . -7.07 -12.80 9.58
OXT ARG B . -7.49 -16.41 2.82
C1 GOL C . 14.59 2.29 -7.14
O1 GOL C . 15.53 2.43 -6.14
C2 GOL C . 14.82 0.92 -7.85
O2 GOL C . 13.83 -0.02 -7.51
C3 GOL C . 14.77 1.28 -9.36
O3 GOL C . 14.83 0.10 -10.09
#